data_4J55
#
_entry.id   4J55
#
_cell.length_a   28.642
_cell.length_b   65.967
_cell.length_c   93.713
_cell.angle_alpha   90.00
_cell.angle_beta   90.00
_cell.angle_gamma   90.00
#
_symmetry.space_group_name_H-M   'P 21 21 21'
#
loop_
_entity.id
_entity.type
_entity.pdbx_description
1 polymer Protease
2 non-polymer '(3aS,5R,6aR)-hexahydro-2H-cyclopenta[b]furan-5-yl [(1S,2R)-1-benzyl-2-hydroxy-3-([(4-methoxyphenyl)sulfonyl]{[(2R)-5-oxopyrrolidin-2-yl]methyl}amino)propyl]carbamate'
3 water water
#
_entity_poly.entity_id   1
_entity_poly.type   'polypeptide(L)'
_entity_poly.pdbx_seq_one_letter_code
;PQITLWKRPFVTVKVGGQLKEALLDTGADNTIFEDINLPGRWKPKMVGGIGGFLKVREYDQVPIEIAGHKVIGTVLVGPT
PVNVIGRDTMTQIGATLNF
;
_entity_poly.pdbx_strand_id   A,B
#
# COMPACT_ATOMS: atom_id res chain seq x y z
N PRO A 1 -0.61 9.58 -16.32
CA PRO A 1 -1.99 9.77 -15.90
C PRO A 1 -2.08 10.31 -14.49
N GLN A 2 -3.28 10.71 -14.10
CA GLN A 2 -3.61 11.07 -12.74
C GLN A 2 -4.65 10.03 -12.33
N ILE A 3 -4.33 9.28 -11.29
CA ILE A 3 -5.16 8.17 -10.87
C ILE A 3 -5.87 8.56 -9.59
N THR A 4 -7.21 8.63 -9.65
CA THR A 4 -7.97 8.78 -8.41
C THR A 4 -8.09 7.41 -7.74
N LEU A 5 -8.54 7.39 -6.52
CA LEU A 5 -8.35 6.15 -5.72
C LEU A 5 -9.68 5.59 -5.29
N TRP A 6 -10.74 5.86 -6.09
CA TRP A 6 -12.04 5.31 -5.74
C TRP A 6 -12.14 3.81 -5.93
N LYS A 7 -11.29 3.25 -6.79
CA LYS A 7 -11.15 1.82 -7.00
C LYS A 7 -9.67 1.46 -6.89
N ARG A 8 -9.40 0.16 -6.80
CA ARG A 8 -7.98 -0.27 -6.70
C ARG A 8 -7.20 0.20 -7.92
N PRO A 9 -6.02 0.81 -7.80
CA PRO A 9 -5.28 1.29 -8.98
C PRO A 9 -4.44 0.20 -9.61
N PHE A 10 -5.02 -0.48 -10.59
CA PHE A 10 -4.31 -1.48 -11.39
C PHE A 10 -3.70 -0.85 -12.65
N VAL A 11 -2.58 -1.41 -13.04
CA VAL A 11 -1.93 -1.07 -14.29
C VAL A 11 -1.53 -2.34 -15.03
N THR A 12 -1.39 -2.20 -16.35
CA THR A 12 -0.91 -3.27 -17.18
C THR A 12 0.61 -3.18 -17.24
N VAL A 13 1.29 -4.29 -17.08
CA VAL A 13 2.75 -4.28 -17.22
C VAL A 13 3.11 -5.48 -18.08
N LYS A 14 4.28 -5.37 -18.68
CA LYS A 14 4.82 -6.47 -19.44
CA LYS A 14 4.82 -6.46 -19.44
C LYS A 14 6.03 -6.95 -18.66
N VAL A 15 6.01 -8.25 -18.32
CA VAL A 15 7.16 -8.79 -17.57
C VAL A 15 7.36 -10.20 -18.12
N GLY A 16 8.59 -10.59 -18.42
CA GLY A 16 8.79 -11.94 -18.91
C GLY A 16 8.13 -12.16 -20.25
N GLY A 17 7.96 -11.07 -21.01
CA GLY A 17 7.29 -11.01 -22.28
C GLY A 17 5.79 -11.22 -22.21
N GLN A 18 5.20 -11.20 -21.03
CA GLN A 18 3.77 -11.41 -20.86
C GLN A 18 3.11 -10.18 -20.28
N LEU A 19 1.87 -9.91 -20.73
CA LEU A 19 1.08 -8.85 -20.16
C LEU A 19 0.42 -9.33 -18.87
N LYS A 20 0.68 -8.55 -17.82
CA LYS A 20 0.15 -8.86 -16.51
C LYS A 20 -0.52 -7.62 -15.93
N GLU A 21 -1.35 -7.82 -14.94
CA GLU A 21 -1.97 -6.73 -14.22
C GLU A 21 -1.43 -6.65 -12.79
N ALA A 22 -1.20 -5.44 -12.30
CA ALA A 22 -0.67 -5.33 -10.96
C ALA A 22 -1.18 -4.07 -10.30
N LEU A 23 -1.26 -4.14 -8.98
CA LEU A 23 -1.73 -3.07 -8.14
C LEU A 23 -0.61 -2.07 -7.84
N LEU A 24 -0.83 -0.79 -8.15
CA LEU A 24 0.10 0.24 -7.72
C LEU A 24 0.01 0.47 -6.21
N ASP A 25 1.04 0.11 -5.48
CA ASP A 25 0.98 0.02 -4.01
C ASP A 25 2.08 0.83 -3.36
N THR A 26 1.75 2.07 -2.97
CA THR A 26 2.78 2.94 -2.39
C THR A 26 3.19 2.47 -1.01
N GLY A 27 2.43 1.57 -0.38
CA GLY A 27 2.88 0.96 0.89
C GLY A 27 3.72 -0.30 0.74
N ALA A 28 4.07 -0.69 -0.49
CA ALA A 28 4.93 -1.82 -0.74
C ALA A 28 6.33 -1.35 -1.12
N ASP A 29 7.37 -1.85 -0.45
CA ASP A 29 8.74 -1.47 -0.75
C ASP A 29 9.19 -2.08 -2.10
N ASN A 30 8.65 -3.24 -2.43
CA ASN A 30 9.08 -4.16 -3.44
C ASN A 30 7.95 -4.51 -4.40
N THR A 31 8.29 -4.95 -5.59
CA THR A 31 7.36 -5.41 -6.61
C THR A 31 7.27 -6.91 -6.58
N ILE A 32 6.08 -7.48 -6.54
CA ILE A 32 5.91 -8.93 -6.32
C ILE A 32 4.85 -9.47 -7.28
N PHE A 33 5.22 -10.51 -7.99
CA PHE A 33 4.31 -11.18 -8.89
C PHE A 33 4.15 -12.64 -8.47
N GLU A 34 3.02 -13.21 -8.85
CA GLU A 34 2.88 -14.67 -8.81
C GLU A 34 2.86 -15.24 -10.22
N ASP A 35 3.35 -16.45 -10.43
CA ASP A 35 3.23 -17.13 -11.72
C ASP A 35 3.81 -16.40 -12.92
N ILE A 36 5.11 -16.09 -12.83
CA ILE A 36 5.79 -15.52 -13.98
C ILE A 36 7.22 -16.04 -14.11
N ASN A 37 7.72 -15.79 -15.32
CA ASN A 37 9.02 -16.32 -15.69
C ASN A 37 10.01 -15.21 -15.94
N LEU A 38 10.97 -15.07 -15.02
CA LEU A 38 12.00 -14.04 -15.14
C LEU A 38 13.32 -14.62 -15.64
N PRO A 39 14.14 -13.74 -16.23
CA PRO A 39 15.47 -14.16 -16.68
C PRO A 39 16.49 -14.16 -15.56
N GLY A 40 17.49 -15.02 -15.71
CA GLY A 40 18.65 -15.02 -14.84
C GLY A 40 18.44 -15.83 -13.57
N ARG A 41 19.38 -15.60 -12.65
N ARG A 41 19.39 -15.64 -12.65
CA ARG A 41 19.37 -16.29 -11.36
CA ARG A 41 19.41 -16.32 -11.37
C ARG A 41 18.53 -15.54 -10.34
C ARG A 41 18.57 -15.57 -10.33
N TRP A 42 18.05 -16.33 -9.36
CA TRP A 42 17.31 -15.72 -8.26
C TRP A 42 17.94 -16.11 -6.93
N LYS A 43 17.61 -15.37 -5.86
CA LYS A 43 18.06 -15.72 -4.52
CA LYS A 43 18.06 -15.73 -4.52
C LYS A 43 16.83 -15.71 -3.61
N PRO A 44 16.84 -16.52 -2.60
CA PRO A 44 15.66 -16.55 -1.67
C PRO A 44 15.60 -15.29 -0.82
N LYS A 45 14.41 -14.80 -0.52
CA LYS A 45 14.16 -13.65 0.30
C LYS A 45 12.87 -13.88 1.08
N MET A 46 12.74 -13.27 2.24
CA MET A 46 11.46 -13.29 2.97
C MET A 46 10.95 -11.84 3.08
N VAL A 47 9.65 -11.67 2.93
CA VAL A 47 9.08 -10.32 3.05
C VAL A 47 8.05 -10.31 4.14
N GLY A 48 7.98 -9.26 4.93
CA GLY A 48 7.02 -9.27 6.02
C GLY A 48 5.85 -8.36 5.69
N GLY A 49 4.64 -8.87 5.57
CA GLY A 49 3.45 -8.06 5.30
C GLY A 49 2.62 -7.90 6.58
N ILE A 50 1.37 -7.46 6.37
CA ILE A 50 0.57 -7.17 7.51
C ILE A 50 0.28 -8.40 8.39
N GLY A 51 0.32 -9.61 7.83
CA GLY A 51 -0.10 -10.79 8.58
C GLY A 51 1.03 -11.70 8.96
N GLY A 52 2.22 -11.52 8.44
CA GLY A 52 3.34 -12.43 8.66
C GLY A 52 4.27 -12.41 7.46
N PHE A 53 5.09 -13.44 7.33
CA PHE A 53 6.19 -13.42 6.37
C PHE A 53 5.81 -14.27 5.15
N LEU A 54 6.41 -13.94 4.02
CA LEU A 54 6.18 -14.62 2.75
C LEU A 54 7.51 -14.99 2.11
N LYS A 55 7.70 -16.26 1.74
CA LYS A 55 8.90 -16.68 1.06
C LYS A 55 8.83 -16.33 -0.42
N VAL A 56 9.86 -15.65 -0.94
CA VAL A 56 9.86 -15.33 -2.38
C VAL A 56 11.19 -15.60 -3.04
N ARG A 57 11.18 -15.59 -4.38
CA ARG A 57 12.44 -15.56 -5.14
C ARG A 57 12.71 -14.14 -5.61
N GLU A 58 13.91 -13.70 -5.32
CA GLU A 58 14.36 -12.37 -5.74
C GLU A 58 15.18 -12.44 -7.03
N TYR A 59 14.71 -11.73 -8.05
CA TYR A 59 15.42 -11.66 -9.34
C TYR A 59 15.91 -10.21 -9.46
N ASP A 60 17.22 -10.01 -9.49
CA ASP A 60 17.78 -8.65 -9.60
C ASP A 60 17.98 -8.27 -11.06
N GLN A 61 17.94 -6.98 -11.35
CA GLN A 61 18.17 -6.39 -12.65
C GLN A 61 17.39 -7.08 -13.76
N VAL A 62 16.06 -7.18 -13.63
CA VAL A 62 15.22 -7.66 -14.73
CA VAL A 62 15.11 -7.69 -14.62
C VAL A 62 14.26 -6.58 -15.21
N PRO A 63 13.88 -6.66 -16.49
CA PRO A 63 13.04 -5.61 -17.09
C PRO A 63 11.52 -5.78 -16.86
N ILE A 64 10.90 -4.64 -16.62
CA ILE A 64 9.45 -4.50 -16.52
C ILE A 64 9.06 -3.38 -17.44
N GLU A 65 8.08 -3.57 -18.30
CA GLU A 65 7.63 -2.46 -19.14
C GLU A 65 6.38 -1.94 -18.42
N ILE A 66 6.49 -0.67 -18.06
CA ILE A 66 5.42 -0.08 -17.25
C ILE A 66 5.33 1.40 -17.62
N ALA A 67 4.12 1.89 -17.78
CA ALA A 67 3.85 3.27 -18.20
C ALA A 67 4.68 3.64 -19.42
N GLY A 68 4.89 2.72 -20.36
CA GLY A 68 5.63 3.02 -21.57
C GLY A 68 7.11 3.16 -21.31
N HIS A 69 7.59 2.77 -20.12
CA HIS A 69 9.05 2.82 -19.92
C HIS A 69 9.68 1.47 -19.62
N LYS A 70 10.90 1.22 -20.10
CA LYS A 70 11.61 0.01 -19.61
C LYS A 70 12.22 0.27 -18.24
N VAL A 71 11.76 -0.40 -17.19
CA VAL A 71 12.38 -0.26 -15.89
C VAL A 71 13.18 -1.51 -15.56
N ILE A 72 14.46 -1.42 -15.30
CA ILE A 72 15.26 -2.59 -14.91
C ILE A 72 15.54 -2.53 -13.44
N GLY A 73 15.24 -3.62 -12.76
CA GLY A 73 15.35 -3.55 -11.30
C GLY A 73 14.94 -4.88 -10.74
N THR A 74 14.74 -4.87 -9.42
CA THR A 74 14.43 -6.11 -8.70
C THR A 74 12.95 -6.46 -8.76
N VAL A 75 12.68 -7.73 -9.04
CA VAL A 75 11.34 -8.26 -9.00
C VAL A 75 11.27 -9.52 -8.13
N LEU A 76 10.28 -9.58 -7.23
CA LEU A 76 10.12 -10.75 -6.38
C LEU A 76 9.00 -11.61 -6.94
N VAL A 77 9.15 -12.92 -6.78
CA VAL A 77 8.12 -13.84 -7.22
C VAL A 77 7.76 -14.76 -6.06
N GLY A 78 6.44 -14.85 -5.83
CA GLY A 78 5.95 -15.72 -4.78
C GLY A 78 4.43 -15.73 -4.78
N PRO A 79 3.86 -16.60 -3.97
CA PRO A 79 2.43 -16.85 -4.08
C PRO A 79 1.57 -15.81 -3.38
N THR A 80 1.74 -14.60 -3.87
CA THR A 80 0.99 -13.43 -3.41
C THR A 80 -0.42 -13.50 -3.98
N PRO A 81 -1.44 -13.09 -3.24
CA PRO A 81 -2.78 -13.18 -3.80
C PRO A 81 -3.02 -12.10 -4.83
N VAL A 82 -2.20 -11.08 -4.98
CA VAL A 82 -2.42 -9.96 -5.90
C VAL A 82 -1.05 -9.48 -6.37
N ASN A 83 -0.80 -9.27 -7.65
CA ASN A 83 0.52 -8.76 -8.06
C ASN A 83 0.59 -7.29 -7.64
N VAL A 84 1.78 -6.89 -7.16
CA VAL A 84 1.88 -5.51 -6.68
CA VAL A 84 1.93 -5.55 -6.65
C VAL A 84 3.10 -4.83 -7.30
N ILE A 85 2.94 -3.56 -7.67
CA ILE A 85 4.02 -2.71 -8.09
C ILE A 85 4.40 -1.87 -6.88
N GLY A 86 5.63 -1.99 -6.36
CA GLY A 86 5.99 -1.21 -5.19
C GLY A 86 6.85 -0.03 -5.52
N ARG A 87 7.37 0.63 -4.47
CA ARG A 87 8.10 1.88 -4.66
C ARG A 87 9.37 1.69 -5.45
N ASP A 88 10.01 0.52 -5.35
CA ASP A 88 11.23 0.26 -6.10
C ASP A 88 11.02 0.49 -7.59
N THR A 89 9.86 0.10 -8.09
CA THR A 89 9.55 0.30 -9.51
C THR A 89 8.99 1.71 -9.76
N MET A 90 8.07 2.15 -8.88
CA MET A 90 7.38 3.42 -9.10
C MET A 90 8.34 4.59 -9.11
N THR A 91 9.41 4.56 -8.30
CA THR A 91 10.37 5.66 -8.33
C THR A 91 11.03 5.78 -9.68
N GLN A 92 11.16 4.68 -10.44
CA GLN A 92 11.82 4.71 -11.72
C GLN A 92 10.99 5.32 -12.83
N ILE A 93 9.67 5.41 -12.63
CA ILE A 93 8.81 6.13 -13.61
C ILE A 93 8.38 7.50 -13.11
N GLY A 94 8.93 7.95 -11.98
CA GLY A 94 8.66 9.29 -11.47
C GLY A 94 7.26 9.43 -10.90
N ALA A 95 6.72 8.33 -10.36
CA ALA A 95 5.40 8.43 -9.73
C ALA A 95 5.39 9.25 -8.48
N THR A 96 4.33 10.02 -8.29
CA THR A 96 4.19 10.83 -7.07
C THR A 96 2.78 10.73 -6.49
N LEU A 97 2.66 10.96 -5.20
CA LEU A 97 1.39 11.17 -4.54
C LEU A 97 1.16 12.67 -4.40
N ASN A 98 -0.07 13.09 -4.71
CA ASN A 98 -0.40 14.51 -4.77
C ASN A 98 -1.63 14.75 -3.90
N PHE A 99 -1.49 15.65 -2.95
N PHE A 99 -1.49 15.63 -2.91
CA PHE A 99 -2.62 15.92 -2.06
CA PHE A 99 -2.57 15.87 -1.97
C PHE A 99 -2.56 17.36 -1.59
C PHE A 99 -2.39 17.12 -1.12
N PRO B 1 0.82 18.68 -0.99
CA PRO B 1 2.18 18.36 -1.42
C PRO B 1 2.18 17.45 -2.65
N GLN B 2 3.34 17.31 -3.22
CA GLN B 2 3.68 16.35 -4.27
C GLN B 2 4.85 15.57 -3.70
N ILE B 3 4.66 14.32 -3.32
N ILE B 3 4.67 14.29 -3.44
CA ILE B 3 5.84 13.64 -2.79
CA ILE B 3 5.51 13.35 -2.71
C ILE B 3 6.23 12.50 -3.74
C ILE B 3 6.19 12.29 -3.56
N THR B 4 7.53 12.27 -3.73
CA THR B 4 8.12 11.14 -4.44
C THR B 4 8.13 9.94 -3.49
N LEU B 5 8.64 8.83 -4.00
CA LEU B 5 8.51 7.55 -3.31
C LEU B 5 9.84 6.89 -3.01
N TRP B 6 10.91 7.68 -2.95
CA TRP B 6 12.22 7.13 -2.63
C TRP B 6 12.28 6.64 -1.19
N LYS B 7 11.51 7.24 -0.30
CA LYS B 7 11.36 6.76 1.06
CA LYS B 7 11.37 6.70 1.05
C LYS B 7 9.89 6.43 1.28
N ARG B 8 9.57 5.69 2.34
CA ARG B 8 8.18 5.41 2.66
C ARG B 8 7.38 6.68 2.86
N PRO B 9 6.17 6.78 2.28
CA PRO B 9 5.43 8.03 2.31
C PRO B 9 4.62 8.22 3.57
N PHE B 10 5.33 8.39 4.71
CA PHE B 10 4.65 8.73 5.95
C PHE B 10 4.17 10.18 5.93
N VAL B 11 2.99 10.36 6.48
CA VAL B 11 2.47 11.71 6.73
C VAL B 11 2.06 11.80 8.18
N THR B 12 2.12 13.03 8.68
CA THR B 12 1.57 13.33 9.99
C THR B 12 0.06 13.25 9.92
N VAL B 13 -0.59 12.58 10.86
CA VAL B 13 -2.04 12.49 10.82
C VAL B 13 -2.55 12.66 12.25
N LYS B 14 -3.62 13.44 12.35
CA LYS B 14 -4.30 13.55 13.63
C LYS B 14 -5.57 12.68 13.58
N VAL B 15 -5.66 11.69 14.46
CA VAL B 15 -6.73 10.71 14.35
C VAL B 15 -7.34 10.56 15.74
N GLY B 16 -8.64 10.77 15.86
CA GLY B 16 -9.24 10.82 17.18
C GLY B 16 -8.58 11.82 18.13
N GLY B 17 -8.02 12.93 17.68
CA GLY B 17 -7.36 13.84 18.62
C GLY B 17 -5.93 13.47 19.03
N GLN B 18 -5.36 12.42 18.44
CA GLN B 18 -3.98 12.02 18.74
C GLN B 18 -3.08 12.24 17.51
N LEU B 19 -1.95 12.90 17.69
N LEU B 19 -1.94 12.90 17.68
CA LEU B 19 -0.95 13.06 16.64
CA LEU B 19 -0.98 13.08 16.60
C LEU B 19 -0.15 11.78 16.39
C LEU B 19 -0.17 11.80 16.38
N LYS B 20 -0.27 11.30 15.16
CA LYS B 20 0.38 10.04 14.79
C LYS B 20 1.07 10.17 13.45
N GLU B 21 1.64 9.09 12.94
CA GLU B 21 2.12 9.09 11.56
C GLU B 21 1.65 7.78 10.91
N ALA B 22 1.46 7.87 9.59
CA ALA B 22 0.94 6.67 8.88
C ALA B 22 1.41 6.74 7.44
N LEU B 23 1.50 5.59 6.76
CA LEU B 23 1.86 5.55 5.37
C LEU B 23 0.67 5.84 4.48
N LEU B 24 0.85 6.72 3.49
N LEU B 24 0.87 6.78 3.55
CA LEU B 24 -0.17 6.91 2.47
CA LEU B 24 -0.13 6.91 2.49
C LEU B 24 -0.12 5.77 1.44
C LEU B 24 0.01 5.66 1.62
N ASP B 25 -1.04 4.82 1.63
CA ASP B 25 -0.94 3.55 0.95
C ASP B 25 -2.05 3.24 -0.05
N THR B 26 -1.64 3.41 -1.34
CA THR B 26 -2.61 3.18 -2.40
C THR B 26 -3.02 1.72 -2.54
N GLY B 27 -2.22 0.81 -1.93
CA GLY B 27 -2.60 -0.59 -1.99
C GLY B 27 -3.50 -1.01 -0.85
N ALA B 28 -3.87 -0.10 0.05
CA ALA B 28 -4.70 -0.40 1.21
C ALA B 28 -6.13 0.05 0.98
N ASP B 29 -7.11 -0.83 1.10
CA ASP B 29 -8.47 -0.44 0.95
C ASP B 29 -8.96 0.48 2.08
N ASN B 30 -8.51 0.19 3.29
CA ASN B 30 -8.93 0.89 4.49
C ASN B 30 -7.71 1.38 5.29
N THR B 31 -7.98 2.33 6.16
CA THR B 31 -7.05 2.93 7.10
C THR B 31 -6.97 2.07 8.37
N ILE B 32 -5.73 1.71 8.75
CA ILE B 32 -5.49 0.83 9.90
C ILE B 32 -4.38 1.39 10.78
N PHE B 33 -4.67 1.51 12.07
CA PHE B 33 -3.68 1.99 13.03
C PHE B 33 -3.44 0.94 14.11
N GLU B 34 -2.21 0.93 14.63
CA GLU B 34 -1.91 0.02 15.73
C GLU B 34 -1.73 0.81 17.02
N ASP B 35 -1.41 2.09 16.99
CA ASP B 35 -0.95 2.73 18.22
C ASP B 35 -1.87 3.85 18.66
N ILE B 36 -3.16 3.58 18.54
CA ILE B 36 -4.14 4.57 19.01
C ILE B 36 -5.19 3.88 19.86
N ASN B 37 -5.83 4.66 20.72
CA ASN B 37 -6.94 4.13 21.51
C ASN B 37 -8.18 4.96 21.19
N LEU B 38 -9.13 4.30 20.54
CA LEU B 38 -10.41 4.92 20.19
C LEU B 38 -11.47 4.49 21.19
N PRO B 39 -12.39 5.39 21.52
CA PRO B 39 -13.31 5.08 22.62
C PRO B 39 -14.46 4.22 22.13
N GLY B 40 -15.12 3.59 23.10
CA GLY B 40 -16.34 2.90 22.97
C GLY B 40 -16.29 1.55 22.29
N ARG B 41 -17.46 1.22 21.73
CA ARG B 41 -17.65 -0.07 21.11
C ARG B 41 -17.07 -0.01 19.69
N TRP B 42 -16.88 -1.21 19.19
N TRP B 42 -17.08 -1.14 18.98
CA TRP B 42 -16.23 -1.63 17.98
CA TRP B 42 -16.65 -1.16 17.59
C TRP B 42 -16.91 -2.95 17.52
C TRP B 42 -17.38 -2.21 16.76
N LYS B 43 -16.91 -3.11 16.22
N LYS B 43 -16.75 -2.70 15.68
CA LYS B 43 -17.26 -4.26 15.43
CA LYS B 43 -17.32 -3.76 14.86
C LYS B 43 -15.97 -4.98 15.00
C LYS B 43 -16.21 -4.68 14.36
N PRO B 44 -15.96 -6.29 15.19
N PRO B 44 -16.06 -5.86 14.92
CA PRO B 44 -14.86 -7.12 14.70
CA PRO B 44 -14.90 -6.72 14.61
C PRO B 44 -14.93 -7.21 13.18
C PRO B 44 -14.94 -7.17 13.16
N LYS B 45 -13.74 -7.19 12.59
CA LYS B 45 -13.55 -7.33 11.15
C LYS B 45 -12.32 -8.17 10.90
N MET B 46 -12.30 -8.92 9.82
CA MET B 46 -11.09 -9.66 9.43
C MET B 46 -10.54 -8.98 8.17
N VAL B 47 -9.21 -8.85 8.17
CA VAL B 47 -8.58 -8.31 6.96
C VAL B 47 -7.39 -9.19 6.62
N GLY B 48 -6.86 -9.06 5.42
CA GLY B 48 -5.86 -9.98 4.88
C GLY B 48 -4.89 -9.25 3.98
N GLY B 49 -3.67 -9.76 3.97
CA GLY B 49 -2.69 -9.24 3.02
C GLY B 49 -1.54 -10.22 2.91
N ILE B 50 -0.38 -9.68 2.53
CA ILE B 50 0.77 -10.57 2.44
C ILE B 50 1.03 -11.15 3.83
N GLY B 51 1.21 -12.47 3.84
CA GLY B 51 1.57 -13.15 5.07
C GLY B 51 0.41 -13.67 5.86
N GLY B 52 -0.83 -13.30 5.51
CA GLY B 52 -1.94 -13.85 6.27
C GLY B 52 -2.97 -12.81 6.68
N PHE B 53 -3.70 -13.12 7.72
CA PHE B 53 -4.90 -12.38 8.12
C PHE B 53 -4.81 -11.85 9.54
N LEU B 54 -5.60 -10.84 9.85
CA LEU B 54 -5.64 -10.33 11.22
C LEU B 54 -7.08 -9.91 11.51
N LYS B 55 -7.34 -9.95 12.80
CA LYS B 55 -8.59 -9.46 13.34
C LYS B 55 -8.31 -8.00 13.73
N VAL B 56 -9.21 -7.15 13.29
CA VAL B 56 -9.14 -5.74 13.65
C VAL B 56 -10.48 -5.28 14.22
N ARG B 57 -10.35 -4.13 14.89
N ARG B 57 -10.59 -4.02 14.68
CA ARG B 57 -11.42 -3.44 15.57
CA ARG B 57 -11.84 -3.38 15.01
C ARG B 57 -11.89 -2.29 14.67
C ARG B 57 -12.18 -2.22 14.06
N GLU B 58 -13.12 -2.43 14.21
N GLU B 58 -13.40 -2.07 13.56
CA GLU B 58 -13.66 -1.33 13.40
CA GLU B 58 -13.81 -1.00 12.68
C GLU B 58 -14.29 -0.30 14.36
C GLU B 58 -14.68 0.09 13.32
N TYR B 59 -13.76 0.91 14.27
N TYR B 59 -14.15 1.32 13.24
CA TYR B 59 -14.31 2.08 14.94
CA TYR B 59 -14.77 2.48 13.82
C TYR B 59 -14.93 2.97 13.85
C TYR B 59 -15.20 3.48 12.77
N ASP B 60 -16.16 3.40 14.03
N ASP B 60 -16.42 3.95 12.90
CA ASP B 60 -16.91 4.23 13.10
CA ASP B 60 -16.96 4.82 11.87
C ASP B 60 -16.86 5.71 13.48
C ASP B 60 -16.98 6.25 12.40
N GLN B 61 -17.03 6.54 12.44
N GLN B 61 -17.04 7.20 11.48
CA GLN B 61 -17.16 7.99 12.55
CA GLN B 61 -17.14 8.58 11.92
C GLN B 61 -16.03 8.64 13.31
C GLN B 61 -16.05 9.05 12.86
N VAL B 62 -14.82 8.56 12.76
CA VAL B 62 -13.66 9.00 13.50
C VAL B 62 -13.09 10.25 12.84
N PRO B 63 -12.77 11.33 13.52
CA PRO B 63 -12.11 12.47 12.87
C PRO B 63 -10.65 12.16 12.60
N ILE B 64 -10.27 12.55 11.40
N ILE B 64 -10.25 12.51 11.38
CA ILE B 64 -8.97 12.40 10.79
CA ILE B 64 -8.86 12.40 11.00
C ILE B 64 -8.52 13.70 10.12
C ILE B 64 -8.50 13.66 10.19
N GLU B 65 -7.31 14.18 10.44
CA GLU B 65 -6.77 15.35 9.72
C GLU B 65 -5.44 15.04 9.08
N ILE B 66 -5.27 15.28 7.79
CA ILE B 66 -4.02 15.13 7.04
C ILE B 66 -3.73 16.36 6.20
N ALA B 67 -2.55 16.96 6.32
CA ALA B 67 -2.21 18.14 5.56
C ALA B 67 -3.29 19.21 5.62
N GLY B 68 -3.97 19.35 6.75
CA GLY B 68 -4.92 20.46 6.88
C GLY B 68 -6.30 20.10 6.38
N HIS B 69 -6.56 18.89 5.89
CA HIS B 69 -7.87 18.49 5.43
C HIS B 69 -8.51 17.70 6.57
N LYS B 70 -9.59 18.15 7.17
CA LYS B 70 -10.31 17.42 8.22
C LYS B 70 -11.42 16.56 7.68
N VAL B 71 -11.38 15.23 7.92
CA VAL B 71 -12.48 14.42 7.38
C VAL B 71 -12.99 13.52 8.50
N ILE B 72 -14.12 12.91 8.26
CA ILE B 72 -14.74 11.95 9.19
C ILE B 72 -14.78 10.60 8.50
N GLY B 73 -14.14 9.57 9.07
CA GLY B 73 -13.96 8.33 8.36
C GLY B 73 -13.97 7.09 9.21
N THR B 74 -13.86 5.94 8.53
CA THR B 74 -13.78 4.67 9.27
C THR B 74 -12.29 4.45 9.51
N VAL B 75 -11.92 4.02 10.69
CA VAL B 75 -10.59 3.61 11.08
C VAL B 75 -10.66 2.22 11.67
N LEU B 76 -9.79 1.35 11.16
CA LEU B 76 -9.58 0.03 11.75
C LEU B 76 -8.42 0.13 12.75
N VAL B 77 -8.56 -0.59 13.85
CA VAL B 77 -7.48 -0.68 14.84
C VAL B 77 -7.10 -2.14 15.01
N GLY B 78 -5.83 -2.44 14.87
CA GLY B 78 -5.43 -3.83 15.03
C GLY B 78 -3.93 -3.96 14.96
N PRO B 79 -3.44 -5.20 15.05
CA PRO B 79 -2.00 -5.45 15.17
C PRO B 79 -1.29 -5.37 13.83
N THR B 80 -1.43 -4.26 13.15
CA THR B 80 -0.66 -4.00 11.93
C THR B 80 0.75 -3.55 12.33
N PRO B 81 1.78 -3.98 11.61
CA PRO B 81 3.15 -3.55 11.92
C PRO B 81 3.41 -2.08 11.65
N VAL B 82 2.58 -1.46 10.82
CA VAL B 82 2.77 -0.07 10.40
C VAL B 82 1.40 0.52 10.14
N ASN B 83 1.18 1.75 10.61
CA ASN B 83 -0.07 2.45 10.36
C ASN B 83 -0.18 2.78 8.88
N VAL B 84 -1.37 2.60 8.31
CA VAL B 84 -1.58 2.94 6.90
C VAL B 84 -2.85 3.75 6.75
N ILE B 85 -2.77 4.72 5.88
CA ILE B 85 -3.89 5.51 5.39
C ILE B 85 -4.33 4.84 4.10
N GLY B 86 -5.55 4.33 4.06
CA GLY B 86 -6.00 3.61 2.87
C GLY B 86 -6.74 4.50 1.91
N ARG B 87 -7.23 3.89 0.84
CA ARG B 87 -7.90 4.63 -0.25
C ARG B 87 -9.17 5.30 0.22
N ASP B 88 -9.88 4.67 1.16
CA ASP B 88 -11.12 5.28 1.69
C ASP B 88 -10.80 6.70 2.17
N THR B 89 -9.76 6.83 2.99
CA THR B 89 -9.43 8.18 3.48
C THR B 89 -8.77 9.06 2.45
N MET B 90 -7.89 8.48 1.62
CA MET B 90 -7.23 9.29 0.61
C MET B 90 -8.24 9.90 -0.36
N THR B 91 -9.31 9.20 -0.71
CA THR B 91 -10.28 9.82 -1.63
C THR B 91 -10.92 11.01 -0.96
N GLN B 92 -11.08 11.00 0.36
CA GLN B 92 -11.75 12.12 1.04
C GLN B 92 -10.89 13.37 1.07
N ILE B 93 -9.56 13.28 0.95
CA ILE B 93 -8.71 14.45 0.91
C ILE B 93 -8.31 14.73 -0.52
N GLY B 94 -8.78 13.96 -1.50
CA GLY B 94 -8.52 14.29 -2.90
C GLY B 94 -7.14 13.88 -3.35
N ALA B 95 -6.58 12.86 -2.71
CA ALA B 95 -5.24 12.44 -3.10
C ALA B 95 -5.29 11.67 -4.41
N THR B 96 -4.23 11.82 -5.22
CA THR B 96 -4.09 11.12 -6.46
C THR B 96 -2.67 10.59 -6.61
N LEU B 97 -2.54 9.54 -7.40
CA LEU B 97 -1.24 8.96 -7.78
C LEU B 97 -0.99 9.45 -9.20
N ASN B 98 0.17 9.98 -9.49
CA ASN B 98 0.43 10.55 -10.80
C ASN B 98 1.70 10.00 -11.40
N PHE B 99 1.70 9.76 -12.69
CA PHE B 99 2.93 9.45 -13.43
C PHE B 99 2.74 9.75 -14.90
#